data_4YIO
#
_entry.id   4YIO
#
_cell.length_a   98.517
_cell.length_b   100.230
_cell.length_c   118.120
_cell.angle_alpha   90.00
_cell.angle_beta   90.00
_cell.angle_gamma   90.00
#
_symmetry.space_group_name_H-M   'C 2 2 21'
#
loop_
_entity.id
_entity.type
_entity.pdbx_description
1 polymer 'Superoxide dismutase'
2 non-polymer 'FE (III) ION'
3 non-polymer 'SULFATE ION'
4 non-polymer GLYCEROL
5 water water
#
_entity_poly.entity_id   1
_entity_poly.type   'polypeptide(L)'
_entity_poly.pdbx_seq_one_letter_code
;MAIILPDLPYAYDALEPYIDAETMTLHHDKHHATYVANANAALEKHPEIGEDLEALLADVEKIPADIRQALINNGGGHLN
HALFWELLSPEKQEPTAEVAAAINEAFGSFEAFQEVFTTSATTRFGSGWAWLVVNAEGKLEVVSTPNQDTPISDGKKPIL
ALDVWEHAYYLKYRNVRPNYIKAFFEIINWNKVAELYAEALEHHHHHH
;
_entity_poly.pdbx_strand_id   A,B
#
# COMPACT_ATOMS: atom_id res chain seq x y z
N ALA A 2 20.82 0.24 -19.54
CA ALA A 2 19.53 -0.26 -18.92
C ALA A 2 19.80 -0.46 -17.45
N ILE A 3 18.74 -0.28 -16.67
CA ILE A 3 18.82 -0.50 -15.21
C ILE A 3 18.86 -1.98 -15.09
N ILE A 4 19.77 -2.45 -14.23
CA ILE A 4 20.00 -3.83 -13.97
C ILE A 4 19.57 -4.17 -12.52
N LEU A 5 18.95 -5.34 -12.37
CA LEU A 5 18.52 -5.79 -11.03
C LEU A 5 19.74 -6.24 -10.27
N PRO A 6 20.12 -5.52 -9.22
CA PRO A 6 21.26 -5.98 -8.50
C PRO A 6 21.00 -7.25 -7.69
N ASP A 7 21.96 -8.17 -7.62
CA ASP A 7 21.81 -9.28 -6.71
C ASP A 7 21.81 -8.82 -5.24
N LEU A 8 21.14 -9.59 -4.40
CA LEU A 8 21.26 -9.38 -2.92
C LEU A 8 22.76 -9.56 -2.56
N PRO A 9 23.21 -8.88 -1.52
CA PRO A 9 24.60 -8.98 -1.05
C PRO A 9 24.79 -10.24 -0.21
N TYR A 10 23.82 -11.15 -0.06
CA TYR A 10 23.81 -12.17 0.94
C TYR A 10 22.81 -13.21 0.38
N ALA A 11 22.83 -14.39 0.98
CA ALA A 11 21.89 -15.43 0.63
C ALA A 11 20.45 -15.01 0.96
N TYR A 12 19.50 -15.61 0.25
CA TYR A 12 18.07 -15.34 0.48
C TYR A 12 17.67 -15.60 1.92
N ASP A 13 18.31 -16.57 2.65
CA ASP A 13 18.01 -16.88 3.98
C ASP A 13 18.90 -16.27 5.02
N ALA A 14 19.72 -15.29 4.60
CA ALA A 14 20.72 -14.71 5.51
C ALA A 14 20.19 -13.83 6.61
N LEU A 15 18.91 -13.33 6.47
CA LEU A 15 18.31 -12.50 7.45
C LEU A 15 17.32 -13.19 8.33
N GLU A 16 17.21 -14.52 8.18
CA GLU A 16 16.42 -15.27 9.14
CA GLU A 16 16.39 -15.26 9.12
C GLU A 16 17.04 -15.17 10.54
N PRO A 17 16.23 -15.12 11.58
CA PRO A 17 14.79 -15.36 11.51
C PRO A 17 13.91 -14.14 11.34
N TYR A 18 14.59 -13.02 11.08
CA TYR A 18 13.91 -11.68 11.19
C TYR A 18 13.16 -11.40 9.87
N ILE A 19 13.72 -11.74 8.76
CA ILE A 19 12.95 -11.75 7.50
C ILE A 19 13.11 -13.17 6.91
N ASP A 20 11.96 -13.77 6.57
CA ASP A 20 11.99 -15.11 5.90
C ASP A 20 12.56 -15.10 4.54
N ALA A 21 13.20 -16.25 4.14
CA ALA A 21 13.66 -16.43 2.82
C ALA A 21 12.66 -16.34 1.69
N GLU A 22 11.42 -16.77 1.96
CA GLU A 22 10.42 -16.76 0.92
C GLU A 22 10.15 -15.27 0.56
N THR A 23 10.02 -14.47 1.60
CA THR A 23 9.82 -13.01 1.38
C THR A 23 11.02 -12.39 0.74
N MET A 24 12.26 -12.70 1.17
CA MET A 24 13.39 -12.17 0.40
C MET A 24 13.38 -12.50 -1.09
N THR A 25 12.97 -13.72 -1.33
CA THR A 25 12.89 -14.24 -2.70
C THR A 25 11.85 -13.51 -3.56
N LEU A 26 10.62 -13.48 -3.06
CA LEU A 26 9.58 -12.71 -3.79
C LEU A 26 9.89 -11.23 -3.91
N HIS A 27 10.39 -10.71 -2.80
CA HIS A 27 10.63 -9.28 -2.72
C HIS A 27 11.60 -8.82 -3.76
N HIS A 28 12.75 -9.55 -3.87
CA HIS A 28 13.78 -9.28 -4.83
C HIS A 28 13.44 -9.75 -6.26
N ASP A 29 13.08 -10.98 -6.39
CA ASP A 29 13.03 -11.60 -7.66
C ASP A 29 11.72 -11.26 -8.37
N LYS A 30 10.63 -10.88 -7.66
CA LYS A 30 9.39 -10.49 -8.34
C LYS A 30 9.12 -8.98 -8.24
N HIS A 31 9.11 -8.47 -6.98
CA HIS A 31 8.69 -7.07 -6.80
C HIS A 31 9.71 -6.16 -7.42
N HIS A 32 10.97 -6.31 -6.94
CA HIS A 32 12.04 -5.44 -7.40
C HIS A 32 12.31 -5.60 -8.92
N ALA A 33 12.30 -6.84 -9.39
CA ALA A 33 12.42 -7.10 -10.84
C ALA A 33 11.35 -6.36 -11.68
N THR A 34 10.12 -6.30 -11.16
CA THR A 34 9.04 -5.60 -11.85
C THR A 34 9.35 -4.15 -11.96
N TYR A 35 9.77 -3.53 -10.79
CA TYR A 35 10.13 -2.17 -10.84
C TYR A 35 11.22 -1.87 -11.88
N VAL A 36 12.23 -2.70 -11.96
CA VAL A 36 13.31 -2.52 -12.88
C VAL A 36 12.78 -2.55 -14.36
N ALA A 37 11.99 -3.55 -14.66
CA ALA A 37 11.34 -3.67 -16.04
C ALA A 37 10.58 -2.47 -16.43
N ASN A 38 9.73 -2.03 -15.55
CA ASN A 38 8.92 -0.86 -15.78
C ASN A 38 9.68 0.40 -15.84
N ALA A 39 10.79 0.48 -15.10
CA ALA A 39 11.63 1.62 -15.18
C ALA A 39 12.38 1.67 -16.51
N ASN A 40 12.85 0.54 -16.96
CA ASN A 40 13.46 0.44 -18.25
C ASN A 40 12.49 0.77 -19.40
N ALA A 41 11.21 0.44 -19.23
CA ALA A 41 10.24 0.75 -20.33
C ALA A 41 10.02 2.20 -20.44
N ALA A 42 10.02 2.90 -19.32
CA ALA A 42 9.84 4.32 -19.33
C ALA A 42 11.08 4.96 -19.96
N LEU A 43 12.26 4.60 -19.46
CA LEU A 43 13.47 5.25 -19.88
CA LEU A 43 13.51 5.21 -19.87
C LEU A 43 13.70 5.06 -21.40
N GLU A 44 13.28 3.93 -21.92
CA GLU A 44 13.50 3.66 -23.37
C GLU A 44 12.74 4.63 -24.28
N LYS A 45 11.70 5.24 -23.75
CA LYS A 45 10.94 6.25 -24.49
C LYS A 45 11.69 7.55 -24.58
N HIS A 46 12.64 7.73 -23.67
CA HIS A 46 13.36 8.96 -23.55
C HIS A 46 14.80 8.70 -23.34
N PRO A 47 15.44 8.11 -24.32
CA PRO A 47 16.90 7.94 -24.23
C PRO A 47 17.67 9.23 -23.92
N GLU A 48 17.07 10.39 -24.25
CA GLU A 48 17.77 11.68 -24.13
C GLU A 48 18.04 12.01 -22.69
N ILE A 49 17.27 11.41 -21.78
CA ILE A 49 17.40 11.75 -20.37
C ILE A 49 18.41 10.92 -19.61
N GLY A 50 18.89 9.84 -20.17
CA GLY A 50 19.90 9.08 -19.50
C GLY A 50 19.26 8.15 -18.42
N GLU A 51 20.10 7.55 -17.60
CA GLU A 51 19.61 6.52 -16.66
CA GLU A 51 19.65 6.49 -16.68
C GLU A 51 20.13 6.70 -15.24
N ASP A 52 20.41 7.97 -14.89
CA ASP A 52 20.86 8.35 -13.56
C ASP A 52 19.63 8.70 -12.68
N LEU A 53 19.02 7.65 -12.20
CA LEU A 53 17.76 7.79 -11.50
C LEU A 53 17.81 8.63 -10.24
N GLU A 54 18.93 8.55 -9.51
CA GLU A 54 19.08 9.50 -8.40
C GLU A 54 18.98 10.94 -8.79
N ALA A 55 19.65 11.27 -9.89
CA ALA A 55 19.61 12.62 -10.40
C ALA A 55 18.27 12.98 -10.99
N LEU A 56 17.68 12.05 -11.77
CA LEU A 56 16.34 12.28 -12.35
C LEU A 56 15.25 12.46 -11.35
N LEU A 57 15.33 11.72 -10.21
CA LEU A 57 14.26 11.83 -9.22
C LEU A 57 14.41 12.98 -8.28
N ALA A 58 15.56 13.71 -8.37
CA ALA A 58 15.70 14.85 -7.53
C ALA A 58 14.80 15.96 -7.85
N ASP A 59 14.47 16.09 -9.15
CA ASP A 59 13.46 17.11 -9.56
C ASP A 59 12.50 16.45 -10.55
N VAL A 60 11.42 15.91 -10.00
CA VAL A 60 10.50 15.09 -10.77
C VAL A 60 9.82 15.93 -11.88
N GLU A 61 9.67 17.22 -11.63
CA GLU A 61 8.98 18.07 -12.66
C GLU A 61 9.74 18.14 -13.95
N LYS A 62 11.04 17.88 -13.89
CA LYS A 62 11.92 17.89 -15.01
C LYS A 62 11.85 16.59 -15.76
N ILE A 63 11.15 15.59 -15.21
CA ILE A 63 11.06 14.31 -15.93
C ILE A 63 9.96 14.57 -17.00
N PRO A 64 10.16 14.04 -18.20
CA PRO A 64 9.11 14.34 -19.21
C PRO A 64 7.73 13.83 -18.80
N ALA A 65 6.72 14.65 -19.01
CA ALA A 65 5.37 14.40 -18.50
C ALA A 65 4.80 13.02 -18.86
N ASP A 66 5.13 12.48 -20.05
CA ASP A 66 4.52 11.26 -20.52
C ASP A 66 5.09 10.00 -19.83
N ILE A 67 6.17 10.19 -19.09
CA ILE A 67 6.65 9.05 -18.28
C ILE A 67 6.90 9.41 -16.81
N ARG A 68 6.43 10.53 -16.36
CA ARG A 68 6.80 11.08 -15.09
C ARG A 68 6.33 10.22 -13.92
N GLN A 69 5.02 9.94 -13.86
CA GLN A 69 4.52 9.07 -12.76
C GLN A 69 5.13 7.64 -12.88
N ALA A 70 5.30 7.10 -14.07
CA ALA A 70 5.89 5.76 -14.26
C ALA A 70 7.32 5.69 -13.72
N LEU A 71 8.06 6.75 -13.96
CA LEU A 71 9.44 6.77 -13.52
C LEU A 71 9.49 7.02 -12.01
N ILE A 72 8.65 7.88 -11.48
CA ILE A 72 8.60 8.08 -10.01
C ILE A 72 8.32 6.73 -9.38
N ASN A 73 7.24 6.09 -9.83
CA ASN A 73 6.86 4.84 -9.16
C ASN A 73 7.86 3.73 -9.38
N ASN A 74 8.39 3.48 -10.58
CA ASN A 74 9.19 2.38 -10.82
C ASN A 74 10.66 2.70 -10.62
N GLY A 75 11.11 3.85 -11.06
CA GLY A 75 12.51 4.26 -10.78
C GLY A 75 12.71 4.40 -9.24
N GLY A 76 11.72 4.97 -8.54
CA GLY A 76 11.70 5.09 -7.09
C GLY A 76 11.68 3.68 -6.55
N GLY A 77 10.85 2.75 -7.05
CA GLY A 77 10.86 1.38 -6.52
C GLY A 77 12.21 0.72 -6.65
N HIS A 78 12.87 0.94 -7.79
CA HIS A 78 14.23 0.47 -7.91
C HIS A 78 15.21 1.01 -6.92
N LEU A 79 15.21 2.33 -6.84
CA LEU A 79 16.22 2.98 -5.96
C LEU A 79 15.98 2.48 -4.53
N ASN A 80 14.73 2.51 -4.12
CA ASN A 80 14.43 2.26 -2.68
C ASN A 80 14.82 0.82 -2.34
N HIS A 81 14.44 -0.14 -3.20
CA HIS A 81 14.76 -1.55 -2.90
C HIS A 81 16.26 -1.87 -3.00
N ALA A 82 16.93 -1.25 -3.99
CA ALA A 82 18.40 -1.42 -4.13
C ALA A 82 19.03 -0.96 -2.80
N LEU A 83 18.63 0.22 -2.32
CA LEU A 83 19.15 0.67 -1.05
C LEU A 83 18.84 -0.23 0.15
N PHE A 84 17.58 -0.67 0.23
CA PHE A 84 17.15 -1.56 1.25
C PHE A 84 17.98 -2.81 1.41
N TRP A 85 18.31 -3.37 0.27
CA TRP A 85 19.09 -4.65 0.42
C TRP A 85 20.47 -4.44 1.01
N GLU A 86 21.06 -3.29 0.67
CA GLU A 86 22.40 -2.93 1.17
C GLU A 86 22.36 -2.56 2.64
N LEU A 87 21.19 -2.09 3.11
CA LEU A 87 21.02 -1.70 4.47
C LEU A 87 20.74 -2.80 5.49
N LEU A 88 20.54 -4.01 4.98
CA LEU A 88 20.26 -5.19 5.78
C LEU A 88 21.58 -5.99 6.00
N SER A 89 21.69 -6.49 7.20
CA SER A 89 22.93 -7.24 7.54
C SER A 89 22.55 -8.54 8.14
N PRO A 90 23.22 -9.61 7.63
CA PRO A 90 23.12 -10.96 8.28
C PRO A 90 23.72 -10.98 9.72
N GLU A 91 24.52 -10.01 10.04
CA GLU A 91 25.15 -9.91 11.34
CA GLU A 91 25.17 -9.89 11.34
C GLU A 91 24.71 -8.71 12.17
N LYS A 92 24.58 -8.90 13.47
CA LYS A 92 24.25 -7.81 14.27
C LYS A 92 25.25 -6.64 14.29
N GLN A 93 24.75 -5.40 14.29
CA GLN A 93 25.60 -4.19 14.34
C GLN A 93 25.03 -3.19 15.24
N GLU A 94 25.88 -2.21 15.57
CA GLU A 94 25.44 -1.00 16.24
C GLU A 94 25.88 0.23 15.57
N PRO A 95 25.28 1.44 15.78
CA PRO A 95 25.75 2.61 15.11
C PRO A 95 27.22 2.89 15.36
N THR A 96 27.89 3.24 14.32
CA THR A 96 29.29 3.68 14.43
C THR A 96 29.30 5.00 15.23
N ALA A 97 30.49 5.41 15.73
CA ALA A 97 30.56 6.67 16.51
C ALA A 97 30.07 7.88 15.75
N GLU A 98 30.36 8.00 14.42
CA GLU A 98 30.06 9.18 13.61
CA GLU A 98 30.04 9.19 13.74
C GLU A 98 28.52 9.30 13.57
N VAL A 99 27.90 8.18 13.31
CA VAL A 99 26.40 8.17 13.20
C VAL A 99 25.74 8.33 14.50
N ALA A 100 26.22 7.70 15.57
CA ALA A 100 25.67 7.81 16.92
C ALA A 100 25.73 9.30 17.30
N ALA A 101 26.82 9.98 16.96
CA ALA A 101 26.95 11.40 17.32
C ALA A 101 25.95 12.26 16.57
N ALA A 102 25.75 11.99 15.28
CA ALA A 102 24.80 12.66 14.50
C ALA A 102 23.40 12.43 15.00
N ILE A 103 23.10 11.21 15.41
CA ILE A 103 21.79 10.90 15.97
C ILE A 103 21.55 11.72 17.23
N ASN A 104 22.57 11.81 18.09
CA ASN A 104 22.38 12.51 19.35
C ASN A 104 22.20 13.99 19.06
N GLU A 105 22.87 14.49 18.06
CA GLU A 105 22.77 15.91 17.66
C GLU A 105 21.39 16.30 17.22
N ALA A 106 20.69 15.36 16.54
CA ALA A 106 19.35 15.60 16.03
C ALA A 106 18.27 15.24 16.99
N PHE A 107 18.40 14.17 17.78
CA PHE A 107 17.31 13.60 18.47
C PHE A 107 17.55 13.56 19.98
N GLY A 108 18.81 13.74 20.41
CA GLY A 108 19.20 13.76 21.79
C GLY A 108 19.81 12.48 22.26
N SER A 109 19.21 11.36 21.87
CA SER A 109 19.68 10.06 22.29
C SER A 109 19.21 9.06 21.16
N PHE A 110 19.92 7.93 21.13
CA PHE A 110 19.47 6.81 20.26
C PHE A 110 18.10 6.34 20.62
N GLU A 111 17.77 6.30 21.94
CA GLU A 111 16.41 5.87 22.31
C GLU A 111 15.34 6.73 21.76
N ALA A 112 15.56 8.05 21.76
CA ALA A 112 14.61 8.99 21.19
C ALA A 112 14.49 8.78 19.70
N PHE A 113 15.62 8.64 19.00
CA PHE A 113 15.59 8.34 17.52
C PHE A 113 14.80 7.11 17.31
N GLN A 114 15.08 6.06 18.06
CA GLN A 114 14.38 4.75 17.78
C GLN A 114 12.90 4.91 17.98
N GLU A 115 12.45 5.68 18.99
CA GLU A 115 11.03 5.97 19.17
C GLU A 115 10.41 6.68 17.99
N VAL A 116 11.09 7.72 17.51
CA VAL A 116 10.62 8.55 16.43
C VAL A 116 10.52 7.72 15.12
N PHE A 117 11.62 7.01 14.82
CA PHE A 117 11.62 6.21 13.61
C PHE A 117 10.56 5.09 13.71
N THR A 118 10.47 4.44 14.84
CA THR A 118 9.43 3.39 15.05
C THR A 118 8.05 4.02 14.80
N THR A 119 7.81 5.18 15.39
CA THR A 119 6.51 5.82 15.17
C THR A 119 6.19 6.16 13.74
N SER A 120 7.19 6.70 13.02
CA SER A 120 7.08 7.00 11.64
C SER A 120 6.66 5.74 10.83
N ALA A 121 7.37 4.64 11.10
CA ALA A 121 7.11 3.38 10.39
C ALA A 121 5.79 2.82 10.74
N THR A 122 5.33 3.05 11.95
CA THR A 122 4.10 2.43 12.42
C THR A 122 2.87 3.20 11.94
N THR A 123 2.97 4.54 11.86
CA THR A 123 1.85 5.34 11.48
C THR A 123 1.68 5.59 10.03
N ARG A 124 2.59 5.17 9.15
CA ARG A 124 2.41 5.28 7.72
C ARG A 124 1.23 4.43 7.29
N PHE A 125 0.21 5.09 6.78
CA PHE A 125 -1.04 4.48 6.44
C PHE A 125 -1.05 4.13 5.00
N GLY A 126 -1.36 2.88 4.70
CA GLY A 126 -1.19 2.36 3.37
C GLY A 126 0.24 1.95 3.07
N SER A 127 0.63 1.97 1.81
CA SER A 127 1.98 1.56 1.45
C SER A 127 3.00 2.63 1.56
N GLY A 128 4.24 2.34 1.97
CA GLY A 128 5.24 3.36 1.98
C GLY A 128 6.51 2.91 2.70
N TRP A 129 7.34 3.91 3.04
CA TRP A 129 8.68 3.73 3.55
C TRP A 129 8.90 4.65 4.75
N ALA A 130 9.69 4.28 5.78
CA ALA A 130 10.19 5.15 6.82
C ALA A 130 11.68 5.33 6.61
N TRP A 131 12.15 6.54 6.85
CA TRP A 131 13.53 6.98 6.47
C TRP A 131 14.22 7.76 7.59
N LEU A 132 15.52 7.62 7.63
CA LEU A 132 16.41 8.57 8.26
C LEU A 132 17.21 9.17 7.18
N VAL A 133 17.18 10.50 7.06
CA VAL A 133 17.79 11.24 6.00
C VAL A 133 18.68 12.39 6.47
N VAL A 134 19.62 12.81 5.60
CA VAL A 134 20.39 14.05 5.80
C VAL A 134 19.73 15.16 4.95
N ASN A 135 19.44 16.28 5.60
CA ASN A 135 18.90 17.42 4.88
C ASN A 135 19.98 18.29 4.31
N ALA A 136 19.55 19.39 3.73
CA ALA A 136 20.43 20.17 2.90
C ALA A 136 21.44 20.90 3.75
N GLU A 137 21.12 21.06 5.03
CA GLU A 137 22.05 21.57 6.06
C GLU A 137 22.92 20.61 6.77
N GLY A 138 22.92 19.34 6.29
CA GLY A 138 23.74 18.30 6.85
C GLY A 138 23.18 17.69 8.14
N LYS A 139 21.89 17.93 8.44
CA LYS A 139 21.35 17.52 9.79
C LYS A 139 20.33 16.35 9.51
N LEU A 140 20.20 15.52 10.49
CA LEU A 140 19.31 14.30 10.36
C LEU A 140 17.83 14.62 10.62
N GLU A 141 16.98 13.91 9.87
CA GLU A 141 15.52 13.98 10.02
C GLU A 141 14.96 12.55 9.86
N VAL A 142 13.85 12.30 10.50
CA VAL A 142 13.05 11.12 10.19
C VAL A 142 11.86 11.55 9.42
N VAL A 143 11.50 10.82 8.35
CA VAL A 143 10.33 11.13 7.54
C VAL A 143 9.79 9.82 7.00
N SER A 144 8.46 9.76 6.74
CA SER A 144 7.96 8.67 5.94
C SER A 144 7.45 9.14 4.59
N THR A 145 7.36 8.27 3.62
CA THR A 145 6.81 8.61 2.34
C THR A 145 5.82 7.56 1.81
N PRO A 146 4.87 7.96 0.94
CA PRO A 146 3.97 7.00 0.38
C PRO A 146 4.48 6.21 -0.77
N ASN A 147 4.01 4.98 -0.97
CA ASN A 147 4.21 4.19 -2.18
C ASN A 147 5.68 4.06 -2.44
N GLN A 148 6.18 4.43 -3.59
CA GLN A 148 7.64 4.48 -3.85
C GLN A 148 8.22 5.88 -3.89
N ASP A 149 7.57 6.89 -3.36
CA ASP A 149 8.15 8.20 -3.31
C ASP A 149 9.43 8.10 -2.45
N THR A 150 10.42 8.85 -2.83
CA THR A 150 11.68 8.91 -2.12
C THR A 150 11.99 10.26 -1.64
N PRO A 151 12.60 10.44 -0.48
CA PRO A 151 13.04 11.76 -0.04
C PRO A 151 14.10 12.40 -0.91
N ILE A 152 14.76 11.70 -1.80
CA ILE A 152 15.65 12.30 -2.81
C ILE A 152 14.87 13.39 -3.56
N SER A 153 13.58 13.16 -3.75
CA SER A 153 12.77 14.13 -4.59
C SER A 153 12.51 15.41 -3.80
N ASP A 154 12.81 15.45 -2.51
CA ASP A 154 12.65 16.57 -1.62
C ASP A 154 14.01 17.13 -1.14
N GLY A 155 15.04 16.78 -1.82
CA GLY A 155 16.36 17.24 -1.55
C GLY A 155 17.09 16.66 -0.37
N LYS A 156 16.67 15.45 0.05
CA LYS A 156 17.17 14.85 1.24
CA LYS A 156 17.19 14.88 1.24
C LYS A 156 17.99 13.65 0.79
N LYS A 157 18.92 13.19 1.61
CA LYS A 157 19.77 12.05 1.19
C LYS A 157 19.50 10.90 2.23
N PRO A 158 18.90 9.77 1.80
CA PRO A 158 18.58 8.69 2.71
C PRO A 158 19.81 7.96 3.24
N ILE A 159 19.84 7.72 4.54
CA ILE A 159 20.87 6.85 5.12
C ILE A 159 20.32 5.60 5.73
N LEU A 160 19.02 5.56 5.99
CA LEU A 160 18.33 4.37 6.57
C LEU A 160 16.95 4.33 6.02
N ALA A 161 16.45 3.16 5.64
CA ALA A 161 15.16 2.99 4.95
C ALA A 161 14.47 1.72 5.43
N LEU A 162 13.21 1.77 5.73
CA LEU A 162 12.42 0.57 6.07
C LEU A 162 11.22 0.48 5.18
N ASP A 163 11.07 -0.62 4.43
CA ASP A 163 9.90 -0.86 3.61
C ASP A 163 8.76 -1.25 4.45
N VAL A 164 7.64 -0.54 4.42
CA VAL A 164 6.45 -0.88 5.18
C VAL A 164 5.25 -1.23 4.25
N TRP A 165 5.51 -1.45 2.95
CA TRP A 165 4.49 -2.15 2.18
C TRP A 165 4.19 -3.48 2.83
N GLU A 166 2.96 -3.87 2.75
CA GLU A 166 2.56 -5.14 3.34
C GLU A 166 3.28 -6.35 2.76
N HIS A 167 3.70 -6.32 1.49
CA HIS A 167 4.49 -7.40 0.94
C HIS A 167 5.81 -7.63 1.68
N ALA A 168 6.34 -6.57 2.34
CA ALA A 168 7.63 -6.68 2.95
C ALA A 168 7.56 -7.53 4.28
N TYR A 169 6.37 -7.69 4.85
CA TYR A 169 6.26 -8.28 6.15
C TYR A 169 5.09 -9.25 6.36
N TYR A 170 4.14 -9.33 5.44
CA TYR A 170 2.88 -9.99 5.75
C TYR A 170 3.10 -11.53 5.92
N LEU A 171 3.96 -12.14 5.15
CA LEU A 171 4.12 -13.62 5.32
C LEU A 171 4.52 -14.01 6.73
N LYS A 172 5.46 -13.30 7.33
CA LYS A 172 5.89 -13.62 8.69
C LYS A 172 5.08 -12.99 9.81
N TYR A 173 4.79 -11.68 9.65
CA TYR A 173 4.22 -10.87 10.68
C TYR A 173 2.76 -10.57 10.55
N ARG A 174 2.19 -10.89 9.39
CA ARG A 174 0.79 -10.58 9.08
C ARG A 174 0.46 -9.16 9.47
N ASN A 175 -0.63 -8.92 10.19
CA ASN A 175 -1.02 -7.50 10.55
C ASN A 175 -0.07 -6.80 11.50
N VAL A 176 0.82 -7.56 12.19
CA VAL A 176 1.57 -7.04 13.30
C VAL A 176 2.86 -6.29 12.87
N ARG A 177 2.65 -5.20 12.14
CA ARG A 177 3.78 -4.46 11.61
C ARG A 177 4.73 -4.02 12.77
N PRO A 178 4.25 -3.66 13.99
CA PRO A 178 5.22 -3.31 15.03
C PRO A 178 6.27 -4.41 15.31
N ASN A 179 5.91 -5.67 15.18
CA ASN A 179 6.92 -6.70 15.35
C ASN A 179 7.99 -6.72 14.26
N TYR A 180 7.54 -6.45 13.04
CA TYR A 180 8.45 -6.33 11.94
C TYR A 180 9.42 -5.17 12.20
N ILE A 181 8.86 -4.01 12.61
CA ILE A 181 9.70 -2.79 12.84
C ILE A 181 10.76 -3.06 13.92
N LYS A 182 10.34 -3.74 14.97
CA LYS A 182 11.35 -4.16 16.00
C LYS A 182 12.41 -5.06 15.51
N ALA A 183 12.03 -6.03 14.67
CA ALA A 183 12.92 -6.99 14.08
C ALA A 183 13.94 -6.31 13.21
N PHE A 184 13.51 -5.29 12.47
CA PHE A 184 14.43 -4.56 11.62
C PHE A 184 15.63 -4.07 12.36
N PHE A 185 15.44 -3.57 13.57
CA PHE A 185 16.58 -3.04 14.34
C PHE A 185 17.61 -4.08 14.68
N GLU A 186 17.26 -5.34 14.57
CA GLU A 186 18.33 -6.35 14.69
C GLU A 186 19.19 -6.60 13.51
N ILE A 187 18.77 -6.16 12.31
CA ILE A 187 19.36 -6.46 11.04
C ILE A 187 19.84 -5.20 10.26
N ILE A 188 19.90 -4.06 10.96
CA ILE A 188 20.43 -2.89 10.27
C ILE A 188 21.90 -2.98 10.02
N ASN A 189 22.31 -2.69 8.82
CA ASN A 189 23.73 -2.63 8.43
C ASN A 189 24.24 -1.23 8.79
N TRP A 190 24.57 -0.98 10.07
CA TRP A 190 25.07 0.32 10.52
C TRP A 190 26.30 0.80 9.79
N ASN A 191 27.15 -0.18 9.35
CA ASN A 191 28.29 0.22 8.60
C ASN A 191 27.93 0.85 7.25
N LYS A 192 26.84 0.34 6.62
CA LYS A 192 26.35 0.87 5.38
C LYS A 192 25.68 2.26 5.69
N VAL A 193 24.96 2.39 6.77
CA VAL A 193 24.38 3.70 7.20
C VAL A 193 25.53 4.71 7.29
N ALA A 194 26.65 4.29 7.92
CA ALA A 194 27.82 5.19 8.02
C ALA A 194 28.38 5.64 6.72
N GLU A 195 28.40 4.76 5.73
CA GLU A 195 28.92 5.08 4.43
C GLU A 195 28.04 6.09 3.78
N LEU A 196 26.74 5.87 3.85
CA LEU A 196 25.82 6.80 3.24
C LEU A 196 25.83 8.16 3.91
N TYR A 197 25.93 8.21 5.23
CA TYR A 197 26.04 9.44 6.00
C TYR A 197 27.25 10.23 5.58
N ALA A 198 28.43 9.58 5.56
CA ALA A 198 29.61 10.27 5.20
C ALA A 198 29.50 10.79 3.83
N GLU A 199 29.00 10.05 2.82
CA GLU A 199 28.86 10.44 1.44
C GLU A 199 27.94 11.67 1.38
N ALA A 200 26.89 11.68 2.21
CA ALA A 200 25.91 12.81 2.16
C ALA A 200 26.55 14.13 2.54
N LEU A 201 27.58 14.08 3.33
CA LEU A 201 28.32 15.32 3.81
C LEU A 201 29.35 15.76 2.83
N GLU A 202 29.78 14.85 2.00
CA GLU A 202 30.87 15.09 1.01
C GLU A 202 30.27 15.86 -0.18
N HIS A 203 31.13 16.57 -0.93
CA HIS A 203 30.61 17.38 -2.10
C HIS A 203 31.66 18.39 -2.56
N ALA B 2 -21.95 3.64 18.93
CA ALA B 2 -20.60 3.25 18.52
C ALA B 2 -20.76 2.40 17.24
N ILE B 3 -19.73 2.43 16.42
CA ILE B 3 -19.69 1.52 15.25
C ILE B 3 -19.41 0.17 15.77
N ILE B 4 -20.18 -0.82 15.20
CA ILE B 4 -20.02 -2.23 15.54
C ILE B 4 -19.40 -3.03 14.42
N LEU B 5 -18.45 -3.85 14.74
CA LEU B 5 -17.87 -4.75 13.72
C LEU B 5 -18.91 -5.78 13.28
N PRO B 6 -19.40 -5.71 12.05
CA PRO B 6 -20.33 -6.79 11.57
C PRO B 6 -19.74 -8.12 11.44
N ASP B 7 -20.50 -9.16 11.79
CA ASP B 7 -19.99 -10.46 11.53
C ASP B 7 -19.98 -10.73 9.99
N LEU B 8 -19.07 -11.62 9.57
CA LEU B 8 -19.21 -12.11 8.15
C LEU B 8 -20.58 -12.74 7.93
N PRO B 9 -21.10 -12.69 6.74
CA PRO B 9 -22.33 -13.42 6.39
C PRO B 9 -22.14 -14.95 6.19
N TYR B 10 -20.99 -15.46 6.40
CA TYR B 10 -20.66 -16.89 6.07
C TYR B 10 -19.48 -17.26 6.92
N ALA B 11 -19.17 -18.55 6.94
CA ALA B 11 -18.03 -19.05 7.70
C ALA B 11 -16.69 -18.48 7.18
N TYR B 12 -15.69 -18.40 8.03
CA TYR B 12 -14.34 -17.98 7.59
C TYR B 12 -13.78 -18.76 6.42
N ASP B 13 -14.16 -20.05 6.24
CA ASP B 13 -13.64 -20.86 5.24
C ASP B 13 -14.58 -21.01 4.04
N ALA B 14 -15.65 -20.23 4.01
CA ALA B 14 -16.70 -20.31 3.01
C ALA B 14 -16.27 -19.92 1.62
N LEU B 15 -15.25 -19.08 1.51
CA LEU B 15 -14.71 -18.68 0.24
C LEU B 15 -13.59 -19.43 -0.31
N GLU B 16 -13.20 -20.50 0.38
CA GLU B 16 -12.13 -21.38 -0.11
CA GLU B 16 -12.17 -21.39 -0.08
C GLU B 16 -12.57 -22.11 -1.40
N PRO B 17 -11.64 -22.32 -2.31
CA PRO B 17 -10.20 -22.06 -2.32
C PRO B 17 -9.82 -20.66 -2.86
N TYR B 18 -10.81 -19.82 -3.08
CA TYR B 18 -10.52 -18.57 -3.78
C TYR B 18 -9.89 -17.60 -2.74
N ILE B 19 -10.44 -17.52 -1.53
CA ILE B 19 -9.79 -16.72 -0.46
C ILE B 19 -9.61 -17.68 0.72
N ASP B 20 -8.40 -17.81 1.19
CA ASP B 20 -8.15 -18.66 2.35
C ASP B 20 -8.80 -18.20 3.61
N ALA B 21 -9.10 -19.18 4.53
CA ALA B 21 -9.64 -18.83 5.82
C ALA B 21 -8.79 -17.97 6.73
N GLU B 22 -7.47 -18.16 6.72
CA GLU B 22 -6.55 -17.44 7.58
C GLU B 22 -6.69 -15.95 7.24
N THR B 23 -6.72 -15.72 5.92
CA THR B 23 -6.92 -14.29 5.43
C THR B 23 -8.23 -13.71 5.84
N MET B 24 -9.31 -14.49 5.65
CA MET B 24 -10.58 -14.02 6.08
C MET B 24 -10.59 -13.64 7.56
N THR B 25 -9.99 -14.53 8.37
CA THR B 25 -9.85 -14.29 9.80
C THR B 25 -9.04 -13.05 10.19
N LEU B 26 -7.86 -12.92 9.60
CA LEU B 26 -7.05 -11.72 9.83
C LEU B 26 -7.73 -10.47 9.36
N HIS B 27 -8.28 -10.62 8.16
CA HIS B 27 -8.86 -9.43 7.47
C HIS B 27 -10.02 -8.84 8.21
N HIS B 28 -10.92 -9.71 8.76
CA HIS B 28 -12.06 -9.31 9.49
C HIS B 28 -11.70 -8.99 10.95
N ASP B 29 -11.04 -9.94 11.59
CA ASP B 29 -10.90 -9.91 13.03
C ASP B 29 -9.80 -8.92 13.47
N LYS B 30 -8.81 -8.71 12.57
CA LYS B 30 -7.71 -7.81 12.89
C LYS B 30 -7.85 -6.49 12.13
N HIS B 31 -7.82 -6.52 10.82
CA HIS B 31 -7.81 -5.29 10.04
C HIS B 31 -9.08 -4.51 10.19
N HIS B 32 -10.24 -5.13 9.89
CA HIS B 32 -11.46 -4.40 9.95
C HIS B 32 -11.73 -3.98 11.42
N ALA B 33 -11.47 -4.88 12.39
CA ALA B 33 -11.64 -4.50 13.78
C ALA B 33 -10.85 -3.25 14.18
N THR B 34 -9.64 -3.12 13.66
CA THR B 34 -8.79 -1.94 13.95
C THR B 34 -9.39 -0.70 13.38
N TYR B 35 -9.96 -0.77 12.12
CA TYR B 35 -10.61 0.36 11.58
C TYR B 35 -11.80 0.81 12.41
N VAL B 36 -12.59 -0.17 12.87
CA VAL B 36 -13.70 0.14 13.73
C VAL B 36 -13.27 0.84 15.05
N ALA B 37 -12.24 0.27 15.68
CA ALA B 37 -11.75 0.82 16.94
C ALA B 37 -11.28 2.28 16.74
N ASN B 38 -10.57 2.49 15.63
CA ASN B 38 -10.01 3.86 15.36
C ASN B 38 -11.03 4.80 14.89
N ALA B 39 -12.09 4.29 14.24
CA ALA B 39 -13.19 5.14 13.88
C ALA B 39 -13.98 5.58 15.12
N ASN B 40 -14.24 4.64 16.05
CA ASN B 40 -14.92 5.00 17.28
C ASN B 40 -14.08 6.04 18.09
N ALA B 41 -12.79 5.88 18.14
CA ALA B 41 -11.89 6.78 18.94
C ALA B 41 -12.05 8.18 18.38
N ALA B 42 -12.16 8.27 17.04
CA ALA B 42 -12.40 9.57 16.47
C ALA B 42 -13.76 10.15 16.72
N LEU B 43 -14.84 9.38 16.51
CA LEU B 43 -16.12 9.87 16.73
C LEU B 43 -16.39 10.28 18.23
N GLU B 44 -15.73 9.59 19.13
CA GLU B 44 -15.93 9.86 20.56
C GLU B 44 -15.47 11.25 20.93
N LYS B 45 -14.55 11.81 20.15
CA LYS B 45 -14.10 13.23 20.35
C LYS B 45 -15.13 14.20 19.87
N HIS B 46 -16.05 13.75 19.01
CA HIS B 46 -17.05 14.60 18.45
C HIS B 46 -18.47 14.08 18.45
N PRO B 47 -19.02 13.87 19.65
CA PRO B 47 -20.28 13.17 19.63
C PRO B 47 -21.34 13.96 18.97
N GLU B 48 -21.21 15.29 18.97
CA GLU B 48 -22.26 16.08 18.40
C GLU B 48 -22.41 15.86 16.90
N ILE B 49 -21.45 15.21 16.27
CA ILE B 49 -21.61 14.98 14.81
C ILE B 49 -22.35 13.69 14.47
N GLY B 50 -22.59 12.86 15.46
CA GLY B 50 -23.33 11.63 15.19
C GLY B 50 -22.39 10.59 14.58
N GLU B 51 -23.02 9.52 14.10
CA GLU B 51 -22.22 8.35 13.70
C GLU B 51 -22.64 7.87 12.34
N ASP B 52 -23.30 8.68 11.56
CA ASP B 52 -23.67 8.29 10.18
C ASP B 52 -22.48 8.48 9.21
N LEU B 53 -21.66 7.42 9.16
CA LEU B 53 -20.44 7.47 8.40
C LEU B 53 -20.67 7.65 6.95
N GLU B 54 -21.74 7.06 6.38
CA GLU B 54 -21.97 7.35 4.99
C GLU B 54 -22.27 8.81 4.71
N ALA B 55 -23.01 9.47 5.62
CA ALA B 55 -23.32 10.83 5.40
C ALA B 55 -22.08 11.69 5.60
N LEU B 56 -21.32 11.42 6.66
CA LEU B 56 -20.11 12.11 7.01
C LEU B 56 -19.05 12.04 5.92
N LEU B 57 -18.87 10.82 5.36
CA LEU B 57 -17.88 10.64 4.30
C LEU B 57 -18.29 11.12 2.94
N ALA B 58 -19.56 11.40 2.72
CA ALA B 58 -19.98 11.94 1.40
C ALA B 58 -19.54 13.37 1.18
N ASP B 59 -19.33 14.10 2.30
CA ASP B 59 -18.76 15.45 2.23
C ASP B 59 -17.76 15.67 3.39
N VAL B 60 -16.53 15.30 3.11
CA VAL B 60 -15.54 15.12 4.18
C VAL B 60 -15.14 16.48 4.79
N GLU B 61 -15.44 17.52 4.04
CA GLU B 61 -15.02 18.87 4.35
C GLU B 61 -15.92 19.35 5.40
N LYS B 62 -16.87 18.52 5.80
CA LYS B 62 -17.69 18.83 6.91
C LYS B 62 -17.44 17.97 8.18
N ILE B 63 -16.47 17.04 8.17
CA ILE B 63 -16.06 16.36 9.32
C ILE B 63 -15.05 17.41 10.02
N PRO B 64 -15.15 17.60 11.35
CA PRO B 64 -14.11 18.48 11.93
C PRO B 64 -12.68 18.17 11.55
N ALA B 65 -11.88 19.24 11.31
CA ALA B 65 -10.49 19.01 10.88
C ALA B 65 -9.53 18.18 11.65
N ASP B 66 -9.76 18.18 12.95
CA ASP B 66 -8.96 17.50 13.88
C ASP B 66 -9.13 15.96 13.79
N ILE B 67 -10.31 15.56 13.30
CA ILE B 67 -10.47 14.08 13.06
C ILE B 67 -10.73 13.69 11.62
N ARG B 68 -10.59 14.64 10.73
CA ARG B 68 -11.02 14.41 9.35
C ARG B 68 -10.24 13.27 8.71
N GLN B 69 -8.92 13.31 8.72
CA GLN B 69 -8.18 12.27 8.10
C GLN B 69 -8.44 10.90 8.79
N ALA B 70 -8.47 10.93 10.14
CA ALA B 70 -8.63 9.66 10.88
C ALA B 70 -9.99 9.05 10.51
N LEU B 71 -10.99 9.85 10.37
CA LEU B 71 -12.30 9.34 9.95
C LEU B 71 -12.35 8.91 8.46
N ILE B 72 -11.70 9.64 7.56
CA ILE B 72 -11.53 9.11 6.16
C ILE B 72 -10.90 7.78 6.18
N ASN B 73 -9.75 7.62 6.84
CA ASN B 73 -9.03 6.41 6.79
C ASN B 73 -9.78 5.25 7.50
N ASN B 74 -10.31 5.50 8.70
CA ASN B 74 -10.85 4.42 9.51
C ASN B 74 -12.30 4.23 9.35
N GLY B 75 -13.05 5.33 9.24
CA GLY B 75 -14.48 5.32 8.86
C GLY B 75 -14.67 4.68 7.46
N GLY B 76 -13.84 5.16 6.53
CA GLY B 76 -13.78 4.63 5.20
C GLY B 76 -13.32 3.15 5.23
N GLY B 77 -12.32 2.76 6.00
CA GLY B 77 -11.87 1.37 6.08
C GLY B 77 -13.04 0.53 6.57
N HIS B 78 -13.77 1.02 7.55
CA HIS B 78 -14.98 0.22 8.01
C HIS B 78 -16.02 0.10 6.92
N LEU B 79 -16.44 1.17 6.29
CA LEU B 79 -17.52 1.13 5.25
C LEU B 79 -17.04 0.21 4.13
N ASN B 80 -15.80 0.32 3.69
CA ASN B 80 -15.35 -0.46 2.52
C ASN B 80 -15.33 -1.93 2.85
N HIS B 81 -14.87 -2.29 4.04
CA HIS B 81 -14.77 -3.71 4.35
C HIS B 81 -16.18 -4.30 4.62
N ALA B 82 -17.04 -3.53 5.26
CA ALA B 82 -18.42 -4.02 5.53
C ALA B 82 -19.09 -4.29 4.21
N LEU B 83 -18.90 -3.41 3.21
CA LEU B 83 -19.46 -3.64 1.91
C LEU B 83 -18.85 -4.86 1.23
N PHE B 84 -17.53 -5.04 1.29
CA PHE B 84 -16.84 -6.05 0.65
C PHE B 84 -17.36 -7.44 1.17
N TRP B 85 -17.58 -7.57 2.49
CA TRP B 85 -17.98 -8.94 2.97
C TRP B 85 -19.29 -9.29 2.32
N GLU B 86 -20.17 -8.33 2.15
CA GLU B 86 -21.53 -8.52 1.57
C GLU B 86 -21.52 -8.79 0.07
N LEU B 87 -20.42 -8.36 -0.60
CA LEU B 87 -20.22 -8.54 -2.01
C LEU B 87 -19.61 -9.83 -2.40
N LEU B 88 -19.27 -10.68 -1.46
CA LEU B 88 -18.63 -12.01 -1.66
C LEU B 88 -19.76 -13.08 -1.38
N SER B 89 -19.66 -14.12 -2.19
CA SER B 89 -20.66 -15.22 -2.13
CA SER B 89 -20.67 -15.22 -2.16
C SER B 89 -20.01 -16.55 -1.92
N PRO B 90 -20.55 -17.35 -0.96
CA PRO B 90 -19.96 -18.69 -0.86
C PRO B 90 -20.46 -19.71 -1.82
N GLU B 91 -21.32 -19.37 -2.76
CA GLU B 91 -21.59 -20.23 -3.90
C GLU B 91 -21.68 -19.39 -5.14
N LYS B 92 -21.59 -20.02 -6.29
CA LYS B 92 -21.44 -19.32 -7.53
C LYS B 92 -22.76 -18.64 -7.98
N GLN B 93 -22.73 -17.32 -8.24
CA GLN B 93 -23.76 -16.48 -8.73
C GLN B 93 -23.45 -15.90 -10.10
N GLU B 94 -24.44 -15.39 -10.81
CA GLU B 94 -24.28 -14.72 -12.09
C GLU B 94 -25.02 -13.39 -12.06
N PRO B 95 -24.56 -12.43 -12.90
CA PRO B 95 -25.27 -11.14 -12.96
C PRO B 95 -26.74 -11.26 -13.24
N THR B 96 -27.49 -10.49 -12.51
CA THR B 96 -28.89 -10.29 -12.77
C THR B 96 -29.12 -9.62 -14.10
N ALA B 97 -30.35 -9.68 -14.61
CA ALA B 97 -30.55 -9.25 -16.02
C ALA B 97 -30.28 -7.77 -16.23
N GLU B 98 -30.77 -6.92 -15.36
CA GLU B 98 -30.66 -5.47 -15.59
C GLU B 98 -29.19 -5.03 -15.41
N VAL B 99 -28.49 -5.63 -14.46
CA VAL B 99 -27.07 -5.33 -14.26
C VAL B 99 -26.31 -5.83 -15.48
N ALA B 100 -26.58 -7.01 -16.01
CA ALA B 100 -25.88 -7.52 -17.19
C ALA B 100 -26.10 -6.60 -18.35
N ALA B 101 -27.33 -6.17 -18.53
CA ALA B 101 -27.62 -5.30 -19.66
C ALA B 101 -26.92 -4.01 -19.49
N ALA B 102 -26.91 -3.37 -18.32
CA ALA B 102 -26.21 -2.11 -18.10
C ALA B 102 -24.75 -2.23 -18.38
N ILE B 103 -24.14 -3.36 -17.97
CA ILE B 103 -22.73 -3.59 -18.25
C ILE B 103 -22.52 -3.69 -19.72
N ASN B 104 -23.38 -4.37 -20.45
CA ASN B 104 -23.09 -4.50 -21.91
C ASN B 104 -23.26 -3.10 -22.51
N GLU B 105 -24.21 -2.30 -22.10
CA GLU B 105 -24.40 -0.94 -22.70
C GLU B 105 -23.16 -0.11 -22.47
N ALA B 106 -22.61 -0.17 -21.26
CA ALA B 106 -21.53 0.69 -20.82
C ALA B 106 -20.16 0.26 -21.30
N PHE B 107 -19.96 -1.06 -21.40
CA PHE B 107 -18.70 -1.68 -21.62
C PHE B 107 -18.61 -2.52 -22.88
N GLY B 108 -19.72 -2.81 -23.56
CA GLY B 108 -19.67 -3.63 -24.75
C GLY B 108 -20.00 -5.04 -24.48
N SER B 109 -19.35 -5.62 -23.50
CA SER B 109 -19.60 -7.01 -23.15
C SER B 109 -19.15 -7.19 -21.73
N PHE B 110 -19.62 -8.27 -21.08
CA PHE B 110 -19.07 -8.53 -19.73
C PHE B 110 -17.54 -8.78 -19.76
N GLU B 111 -17.07 -9.47 -20.79
CA GLU B 111 -15.62 -9.75 -20.92
C GLU B 111 -14.80 -8.44 -20.96
N ALA B 112 -15.32 -7.45 -21.71
CA ALA B 112 -14.63 -6.13 -21.68
C ALA B 112 -14.69 -5.45 -20.37
N PHE B 113 -15.86 -5.47 -19.70
CA PHE B 113 -15.97 -4.92 -18.36
C PHE B 113 -14.92 -5.59 -17.42
N GLN B 114 -14.86 -6.92 -17.48
CA GLN B 114 -13.88 -7.60 -16.65
C GLN B 114 -12.44 -7.18 -16.92
N GLU B 115 -12.15 -6.97 -18.19
CA GLU B 115 -10.81 -6.41 -18.58
C GLU B 115 -10.56 -5.06 -17.97
N VAL B 116 -11.53 -4.16 -18.14
CA VAL B 116 -11.42 -2.77 -17.62
C VAL B 116 -11.23 -2.77 -16.12
N PHE B 117 -12.05 -3.55 -15.44
CA PHE B 117 -12.00 -3.63 -13.99
C PHE B 117 -10.68 -4.23 -13.53
N THR B 118 -10.24 -5.28 -14.23
CA THR B 118 -8.98 -5.94 -13.92
C THR B 118 -7.79 -4.98 -14.14
N THR B 119 -7.85 -4.17 -15.22
CA THR B 119 -6.82 -3.15 -15.40
C THR B 119 -6.78 -2.18 -14.31
N SER B 120 -7.94 -1.65 -13.86
CA SER B 120 -7.98 -0.70 -12.80
C SER B 120 -7.34 -1.29 -11.50
N ALA B 121 -7.81 -2.49 -11.22
CA ALA B 121 -7.35 -3.25 -10.03
C ALA B 121 -5.86 -3.54 -10.03
N THR B 122 -5.33 -3.87 -11.21
CA THR B 122 -3.86 -4.15 -11.25
CA THR B 122 -3.88 -4.20 -11.39
C THR B 122 -3.02 -2.95 -11.25
N THR B 123 -3.47 -1.85 -11.90
CA THR B 123 -2.69 -0.62 -11.94
C THR B 123 -2.81 0.33 -10.79
N ARG B 124 -3.68 0.03 -9.81
CA ARG B 124 -3.79 0.79 -8.61
C ARG B 124 -2.45 0.56 -7.88
N PHE B 125 -1.60 1.59 -7.84
CA PHE B 125 -0.25 1.39 -7.33
C PHE B 125 -0.20 1.68 -5.86
N GLY B 126 0.33 0.76 -5.09
CA GLY B 126 0.23 0.83 -3.68
C GLY B 126 -1.05 0.17 -3.16
N SER B 127 -1.56 0.73 -2.08
CA SER B 127 -2.79 0.22 -1.40
C SER B 127 -4.05 0.87 -2.00
N GLY B 128 -5.16 0.17 -2.04
CA GLY B 128 -6.40 0.76 -2.43
C GLY B 128 -7.43 -0.26 -2.86
N TRP B 129 -8.43 0.27 -3.62
CA TRP B 129 -9.68 -0.50 -3.98
C TRP B 129 -10.01 -0.24 -5.44
N ALA B 130 -10.54 -1.24 -6.12
CA ALA B 130 -11.14 -1.04 -7.44
C ALA B 130 -12.65 -1.17 -7.33
N TRP B 131 -13.33 -0.35 -8.10
CA TRP B 131 -14.78 -0.18 -7.92
C TRP B 131 -15.48 -0.19 -9.26
N LEU B 132 -16.74 -0.68 -9.31
CA LEU B 132 -17.71 -0.33 -10.34
C LEU B 132 -18.74 0.54 -9.60
N VAL B 133 -18.98 1.76 -10.15
CA VAL B 133 -19.87 2.73 -9.57
C VAL B 133 -20.89 3.26 -10.56
N VAL B 134 -21.97 3.77 -9.94
CA VAL B 134 -22.97 4.61 -10.66
C VAL B 134 -22.60 6.03 -10.34
N ASN B 135 -22.23 6.71 -11.42
CA ASN B 135 -21.85 8.15 -11.28
C ASN B 135 -23.07 9.08 -11.09
N ALA B 136 -22.79 10.41 -10.95
CA ALA B 136 -23.94 11.41 -10.86
C ALA B 136 -25.05 11.34 -11.93
N GLU B 137 -24.76 10.73 -13.09
CA GLU B 137 -25.72 10.54 -14.23
C GLU B 137 -26.48 9.26 -14.30
N GLY B 138 -26.21 8.38 -13.36
CA GLY B 138 -26.84 7.11 -13.44
C GLY B 138 -26.08 6.27 -14.47
N LYS B 139 -24.81 6.66 -14.75
CA LYS B 139 -23.90 5.90 -15.70
C LYS B 139 -22.84 5.07 -14.91
N LEU B 140 -22.62 3.91 -15.45
CA LEU B 140 -21.56 2.99 -14.87
C LEU B 140 -20.15 3.42 -15.24
N GLU B 141 -19.24 3.36 -14.26
CA GLU B 141 -17.83 3.77 -14.43
C GLU B 141 -17.02 2.80 -13.55
N VAL B 142 -15.86 2.43 -14.08
CA VAL B 142 -14.81 1.75 -13.25
C VAL B 142 -13.85 2.81 -12.80
N VAL B 143 -13.50 2.75 -11.49
CA VAL B 143 -12.53 3.70 -10.92
CA VAL B 143 -12.53 3.71 -10.93
C VAL B 143 -11.79 2.97 -9.82
N SER B 144 -10.55 3.39 -9.54
CA SER B 144 -9.82 2.93 -8.30
C SER B 144 -9.58 4.06 -7.39
N THR B 145 -9.37 3.79 -6.14
CA THR B 145 -9.10 4.79 -5.09
C THR B 145 -7.91 4.32 -4.25
N PRO B 146 -7.17 5.29 -3.70
CA PRO B 146 -6.07 4.95 -2.79
C PRO B 146 -6.54 4.67 -1.42
N ASN B 147 -5.78 3.81 -0.75
CA ASN B 147 -5.87 3.60 0.71
C ASN B 147 -7.29 3.17 1.09
N GLN B 148 -7.95 3.89 1.95
CA GLN B 148 -9.35 3.62 2.26
C GLN B 148 -10.29 4.73 1.75
N ASP B 149 -9.87 5.53 0.76
CA ASP B 149 -10.73 6.48 0.18
C ASP B 149 -11.89 5.76 -0.51
N THR B 150 -13.09 6.34 -0.43
CA THR B 150 -14.25 5.70 -1.06
C THR B 150 -14.87 6.64 -2.07
N PRO B 151 -15.35 6.12 -3.17
CA PRO B 151 -16.05 6.95 -4.17
C PRO B 151 -17.28 7.68 -3.68
N ILE B 152 -17.83 7.30 -2.53
CA ILE B 152 -18.96 8.04 -1.99
C ILE B 152 -18.56 9.48 -1.63
N SER B 153 -17.29 9.68 -1.38
CA SER B 153 -16.76 11.04 -1.17
C SER B 153 -16.72 11.91 -2.37
N ASP B 154 -16.90 11.32 -3.55
CA ASP B 154 -16.94 11.97 -4.77
C ASP B 154 -18.31 11.90 -5.48
N GLY B 155 -19.35 11.61 -4.71
CA GLY B 155 -20.71 11.60 -5.26
C GLY B 155 -21.02 10.43 -6.16
N LYS B 156 -20.28 9.31 -5.95
CA LYS B 156 -20.45 8.13 -6.80
C LYS B 156 -21.00 7.00 -5.93
N LYS B 157 -21.78 6.08 -6.47
CA LYS B 157 -22.40 5.03 -5.64
C LYS B 157 -21.82 3.66 -6.06
N PRO B 158 -21.05 3.03 -5.18
CA PRO B 158 -20.42 1.73 -5.51
C PRO B 158 -21.46 0.62 -5.65
N ILE B 159 -21.27 -0.17 -6.64
CA ILE B 159 -22.02 -1.42 -6.72
C ILE B 159 -21.15 -2.61 -6.70
N LEU B 160 -19.82 -2.46 -6.91
CA LEU B 160 -18.82 -3.61 -6.83
C LEU B 160 -17.59 -3.03 -6.29
N ALA B 161 -16.84 -3.75 -5.45
CA ALA B 161 -15.65 -3.27 -4.77
C ALA B 161 -14.69 -4.47 -4.63
N LEU B 162 -13.42 -4.26 -4.91
CA LEU B 162 -12.40 -5.24 -4.68
C LEU B 162 -11.25 -4.61 -3.88
N ASP B 163 -10.88 -5.16 -2.71
CA ASP B 163 -9.77 -4.68 -1.88
C ASP B 163 -8.54 -5.22 -2.56
N VAL B 164 -7.60 -4.30 -2.91
CA VAL B 164 -6.30 -4.62 -3.47
C VAL B 164 -5.14 -4.17 -2.61
N TRP B 165 -5.43 -3.90 -1.33
CA TRP B 165 -4.35 -3.93 -0.29
C TRP B 165 -3.68 -5.30 -0.27
N GLU B 166 -2.34 -5.34 -0.16
CA GLU B 166 -1.64 -6.63 -0.18
C GLU B 166 -2.11 -7.56 0.92
N HIS B 167 -2.59 -7.06 2.08
CA HIS B 167 -3.13 -7.95 3.17
C HIS B 167 -4.29 -8.76 2.63
N ALA B 168 -5.01 -8.30 1.58
CA ALA B 168 -6.19 -8.97 1.17
C ALA B 168 -5.83 -10.20 0.34
N TYR B 169 -4.61 -10.32 -0.19
CA TYR B 169 -4.24 -11.40 -1.11
C TYR B 169 -2.89 -12.11 -0.94
N TYR B 170 -2.02 -11.53 -0.09
CA TYR B 170 -0.64 -11.91 -0.12
C TYR B 170 -0.44 -13.38 0.41
N LEU B 171 -1.23 -13.76 1.38
CA LEU B 171 -0.92 -15.12 1.96
C LEU B 171 -1.13 -16.19 0.92
N LYS B 172 -2.15 -16.06 0.10
CA LYS B 172 -2.43 -17.00 -0.95
CA LYS B 172 -2.43 -17.01 -0.95
C LYS B 172 -1.80 -16.73 -2.28
N TYR B 173 -1.85 -15.51 -2.77
CA TYR B 173 -1.42 -15.16 -4.10
C TYR B 173 -0.03 -14.51 -4.22
N ARG B 174 0.49 -14.11 -3.07
CA ARG B 174 1.77 -13.42 -2.98
C ARG B 174 1.72 -12.26 -4.00
N ASN B 175 2.77 -12.08 -4.78
CA ASN B 175 2.84 -10.93 -5.69
C ASN B 175 1.83 -10.93 -6.83
N VAL B 176 1.14 -12.06 -7.04
CA VAL B 176 0.43 -12.26 -8.29
C VAL B 176 -1.00 -11.72 -8.09
N ARG B 177 -1.11 -10.40 -7.97
CA ARG B 177 -2.42 -9.72 -7.82
C ARG B 177 -3.41 -10.11 -8.94
N PRO B 178 -2.94 -10.43 -10.17
CA PRO B 178 -3.93 -10.80 -11.19
C PRO B 178 -4.62 -12.12 -10.91
N ASN B 179 -3.95 -13.06 -10.23
CA ASN B 179 -4.64 -14.31 -9.96
C ASN B 179 -5.72 -14.12 -8.94
N TYR B 180 -5.50 -13.21 -7.96
CA TYR B 180 -6.49 -12.85 -6.97
C TYR B 180 -7.69 -12.15 -7.60
N ILE B 181 -7.41 -11.24 -8.52
CA ILE B 181 -8.54 -10.57 -9.20
C ILE B 181 -9.38 -11.56 -10.01
N LYS B 182 -8.71 -12.52 -10.69
CA LYS B 182 -9.46 -13.55 -11.39
C LYS B 182 -10.32 -14.37 -10.43
N ALA B 183 -9.78 -14.74 -9.27
CA ALA B 183 -10.53 -15.46 -8.24
C ALA B 183 -11.74 -14.74 -7.74
N PHE B 184 -11.62 -13.40 -7.60
CA PHE B 184 -12.73 -12.60 -7.15
C PHE B 184 -13.90 -12.76 -8.06
N PHE B 185 -13.68 -12.83 -9.37
CA PHE B 185 -14.80 -12.89 -10.26
C PHE B 185 -15.62 -14.19 -10.09
N GLU B 186 -15.07 -15.22 -9.44
CA GLU B 186 -15.84 -16.46 -9.17
C GLU B 186 -16.74 -16.30 -7.94
N ILE B 187 -16.48 -15.31 -7.06
CA ILE B 187 -17.11 -15.22 -5.76
C ILE B 187 -17.89 -13.93 -5.49
N ILE B 188 -18.24 -13.27 -6.60
CA ILE B 188 -19.05 -12.01 -6.44
C ILE B 188 -20.49 -12.35 -6.08
N ASN B 189 -21.03 -11.64 -5.13
CA ASN B 189 -22.43 -11.77 -4.79
C ASN B 189 -23.22 -10.83 -5.72
N TRP B 190 -23.63 -11.34 -6.87
CA TRP B 190 -24.40 -10.59 -7.83
C TRP B 190 -25.77 -10.06 -7.34
N ASN B 191 -26.32 -10.83 -6.38
CA ASN B 191 -27.51 -10.35 -5.75
C ASN B 191 -27.32 -9.01 -5.01
N LYS B 192 -26.21 -8.90 -4.31
CA LYS B 192 -25.87 -7.66 -3.67
C LYS B 192 -25.61 -6.58 -4.71
N VAL B 193 -24.86 -6.91 -5.77
CA VAL B 193 -24.58 -5.93 -6.82
C VAL B 193 -25.91 -5.37 -7.29
N ALA B 194 -26.90 -6.25 -7.53
CA ALA B 194 -28.17 -5.85 -7.96
C ALA B 194 -28.89 -4.92 -7.01
N GLU B 195 -28.83 -5.25 -5.73
CA GLU B 195 -29.48 -4.36 -4.72
C GLU B 195 -28.88 -2.96 -4.73
N LEU B 196 -27.57 -2.95 -4.79
CA LEU B 196 -26.87 -1.68 -4.81
C LEU B 196 -27.19 -0.89 -6.03
N TYR B 197 -27.22 -1.51 -7.20
CA TYR B 197 -27.53 -0.83 -8.44
C TYR B 197 -28.97 -0.25 -8.42
N ALA B 198 -29.91 -1.07 -7.94
CA ALA B 198 -31.28 -0.63 -7.90
C ALA B 198 -31.37 0.60 -6.98
N GLU B 199 -30.69 0.56 -5.85
CA GLU B 199 -30.73 1.71 -4.88
C GLU B 199 -30.09 2.94 -5.50
N ALA B 200 -29.05 2.76 -6.31
CA ALA B 200 -28.36 3.92 -6.86
C ALA B 200 -29.27 4.63 -7.82
N LEU B 201 -30.09 3.89 -8.57
CA LEU B 201 -30.89 4.46 -9.67
C LEU B 201 -32.20 5.04 -9.07
N GLU B 202 -32.53 4.71 -7.83
CA GLU B 202 -33.75 5.25 -7.16
C GLU B 202 -33.89 6.80 -7.19
#